data_3W5W
#
_entry.id   3W5W
#
_cell.length_a   90.828
_cell.length_b   90.828
_cell.length_c   107.878
_cell.angle_alpha   90.000
_cell.angle_beta   90.000
_cell.angle_gamma   120.000
#
_symmetry.space_group_name_H-M   'P 32 2 1'
#
loop_
_entity.id
_entity.type
_entity.pdbx_description
1 polymer 'Putative exopolyphosphatase-related protein'
2 non-polymer "GUANOSINE-5'-MONOPHOSPHATE"
3 non-polymer 'MANGANESE (II) ION'
4 water water
#
_entity_poly.entity_id   1
_entity_poly.type   'polypeptide(L)'
_entity_poly.pdbx_seq_one_letter_code
;MLTKVIAQAHIDHFTKWFERADKIVIVSHVSPDGDAIGSSLGLYHFLDSQDKIVNVIVPNAFPDFLKWMPGSKDILLYDR
YQEFADKLIMEADVICCLDFNALKRIDEMSDIVAASPGRKIMIDHHLYPEDFCRITISHPEISSTSELVFRLICRMGYFS
DISKEGAECIYTGMMTDTGGFTYNSNNREIYFIISELLSKGIDKDDIYRKVYNTYSESRLRLMGYVLSNMKVYKDYNSAL
ISLTKEEQGKFDYIKGDSEGFVNIPLSIKNVCFSCFLREDTEKKMIKISLRSVGKFPCNRLAAEFFNGGGHLNASGGEFY
GTMEEAVKVFEQALEKYKPLLKELEHHHHHH
;
_entity_poly.pdbx_strand_id   A
#
loop_
_chem_comp.id
_chem_comp.type
_chem_comp.name
_chem_comp.formula
5GP non-polymer GUANOSINE-5'-MONOPHOSPHATE 'C10 H14 N5 O8 P'
MN non-polymer 'MANGANESE (II) ION' 'Mn 2'
#
# COMPACT_ATOMS: atom_id res chain seq x y z
N LEU A 2 7.25 -18.85 -11.86
CA LEU A 2 7.67 -20.29 -12.09
C LEU A 2 6.98 -21.28 -11.12
N THR A 3 7.31 -21.20 -9.83
CA THR A 3 6.71 -22.09 -8.81
C THR A 3 5.23 -21.83 -8.61
N LYS A 4 4.48 -22.86 -8.29
CA LYS A 4 3.06 -22.68 -8.06
C LYS A 4 2.83 -22.24 -6.62
N VAL A 5 2.48 -20.98 -6.42
CA VAL A 5 2.24 -20.46 -5.08
C VAL A 5 0.75 -20.49 -4.78
N ILE A 6 -0.06 -20.09 -5.77
CA ILE A 6 -1.53 -20.06 -5.64
C ILE A 6 -2.13 -21.44 -5.84
N ALA A 7 -3.08 -21.80 -4.97
CA ALA A 7 -3.77 -23.10 -5.04
C ALA A 7 -4.48 -23.30 -6.37
N GLN A 8 -4.04 -24.32 -7.12
CA GLN A 8 -4.64 -24.61 -8.43
C GLN A 8 -6.17 -24.67 -8.35
N ALA A 9 -6.69 -25.11 -7.20
CA ALA A 9 -8.13 -25.20 -6.97
C ALA A 9 -8.70 -23.78 -7.05
N HIS A 10 -8.23 -22.89 -6.19
CA HIS A 10 -8.68 -21.51 -6.20
C HIS A 10 -8.67 -20.96 -7.64
N ILE A 11 -7.57 -21.19 -8.35
CA ILE A 11 -7.48 -20.72 -9.73
C ILE A 11 -8.62 -21.24 -10.60
N ASP A 12 -8.89 -22.54 -10.51
CA ASP A 12 -9.97 -23.14 -11.30
C ASP A 12 -11.33 -22.55 -10.93
N HIS A 13 -11.55 -22.35 -9.63
CA HIS A 13 -12.82 -21.81 -9.15
C HIS A 13 -13.02 -20.38 -9.63
N PHE A 14 -11.97 -19.56 -9.56
CA PHE A 14 -12.09 -18.19 -10.02
C PHE A 14 -12.28 -18.18 -11.54
N THR A 15 -11.64 -19.10 -12.24
CA THR A 15 -11.77 -19.14 -13.70
C THR A 15 -13.24 -19.36 -14.05
N LYS A 16 -13.93 -20.13 -13.21
CA LYS A 16 -15.34 -20.42 -13.44
C LYS A 16 -16.16 -19.13 -13.31
N TRP A 17 -15.95 -18.40 -12.21
CA TRP A 17 -16.64 -17.12 -11.98
C TRP A 17 -16.32 -16.15 -13.11
N PHE A 18 -15.06 -16.20 -13.53
CA PHE A 18 -14.51 -15.35 -14.58
C PHE A 18 -15.26 -15.42 -15.89
N GLU A 19 -15.36 -16.60 -16.47
CA GLU A 19 -16.05 -16.76 -17.74
C GLU A 19 -17.55 -16.47 -17.67
N ARG A 20 -18.16 -16.75 -16.52
CA ARG A 20 -19.58 -16.54 -16.29
C ARG A 20 -19.91 -15.05 -16.07
N ALA A 21 -18.97 -14.35 -15.44
CA ALA A 21 -19.13 -12.93 -15.12
C ALA A 21 -19.19 -12.00 -16.32
N ASP A 22 -19.97 -10.94 -16.18
CA ASP A 22 -20.15 -9.91 -17.21
C ASP A 22 -19.65 -8.55 -16.70
N LYS A 23 -19.99 -8.26 -15.45
CA LYS A 23 -19.59 -7.01 -14.82
C LYS A 23 -18.76 -7.30 -13.56
N ILE A 24 -17.52 -6.82 -13.57
CA ILE A 24 -16.61 -7.02 -12.45
C ILE A 24 -16.18 -5.69 -11.85
N VAL A 25 -16.12 -5.64 -10.53
CA VAL A 25 -15.68 -4.45 -9.83
C VAL A 25 -14.43 -4.83 -9.04
N ILE A 26 -13.40 -3.98 -9.12
CA ILE A 26 -12.14 -4.21 -8.41
C ILE A 26 -12.01 -3.14 -7.34
N VAL A 27 -11.79 -3.57 -6.10
CA VAL A 27 -11.67 -2.63 -4.99
C VAL A 27 -10.33 -2.79 -4.26
N SER A 28 -9.86 -1.72 -3.64
CA SER A 28 -8.60 -1.75 -2.88
C SER A 28 -8.75 -0.92 -1.61
N HIS A 29 -7.75 -0.94 -0.72
CA HIS A 29 -7.82 -0.25 0.57
C HIS A 29 -7.75 1.27 0.62
N VAL A 30 -8.32 1.85 1.69
CA VAL A 30 -8.31 3.30 1.88
C VAL A 30 -6.86 3.80 1.76
N SER A 31 -6.67 5.00 1.20
CA SER A 31 -5.32 5.52 1.00
C SER A 31 -4.55 4.53 0.13
N PRO A 32 -4.98 4.35 -1.11
CA PRO A 32 -4.30 3.42 -2.01
C PRO A 32 -2.85 3.82 -2.21
N ASP A 33 -1.97 2.84 -2.16
CA ASP A 33 -0.55 3.07 -2.36
C ASP A 33 -0.18 2.38 -3.67
N GLY A 34 1.08 2.50 -4.06
CA GLY A 34 1.56 1.89 -5.30
C GLY A 34 1.07 0.47 -5.59
N ASP A 35 1.09 -0.40 -4.59
CA ASP A 35 0.65 -1.78 -4.82
C ASP A 35 -0.84 -1.79 -5.06
N ALA A 36 -1.58 -1.01 -4.28
CA ALA A 36 -3.03 -0.97 -4.41
C ALA A 36 -3.45 -0.56 -5.82
N ILE A 37 -3.00 0.59 -6.28
CA ILE A 37 -3.33 1.09 -7.62
C ILE A 37 -2.75 0.22 -8.75
N GLY A 38 -1.50 -0.21 -8.58
CA GLY A 38 -0.86 -1.03 -9.60
C GLY A 38 -1.50 -2.39 -9.82
N SER A 39 -1.73 -3.13 -8.73
CA SER A 39 -2.33 -4.45 -8.83
C SER A 39 -3.75 -4.37 -9.39
N SER A 40 -4.47 -3.31 -9.04
CA SER A 40 -5.84 -3.14 -9.52
C SER A 40 -5.90 -2.70 -10.98
N LEU A 41 -5.01 -1.81 -11.39
CA LEU A 41 -4.99 -1.34 -12.77
C LEU A 41 -4.48 -2.46 -13.67
N GLY A 42 -3.64 -3.33 -13.11
CA GLY A 42 -3.11 -4.44 -13.87
C GLY A 42 -4.18 -5.46 -14.17
N LEU A 43 -4.95 -5.82 -13.14
CA LEU A 43 -6.05 -6.79 -13.28
C LEU A 43 -7.12 -6.17 -14.16
N TYR A 44 -7.38 -4.88 -13.95
CA TYR A 44 -8.35 -4.15 -14.75
C TYR A 44 -8.02 -4.29 -16.23
N HIS A 45 -6.78 -3.96 -16.60
CA HIS A 45 -6.37 -4.07 -17.98
C HIS A 45 -6.53 -5.47 -18.51
N PHE A 46 -6.20 -6.47 -17.69
CA PHE A 46 -6.36 -7.84 -18.14
C PHE A 46 -7.84 -8.12 -18.38
N LEU A 47 -8.63 -7.98 -17.32
CA LEU A 47 -10.07 -8.22 -17.41
C LEU A 47 -10.71 -7.46 -18.57
N ASP A 48 -10.26 -6.23 -18.79
CA ASP A 48 -10.84 -5.42 -19.83
C ASP A 48 -10.58 -5.95 -21.23
N SER A 49 -9.41 -6.51 -21.46
CA SER A 49 -9.09 -7.06 -22.78
C SER A 49 -9.91 -8.32 -23.02
N GLN A 50 -10.46 -8.87 -21.94
CA GLN A 50 -11.26 -10.09 -22.05
C GLN A 50 -12.74 -9.84 -22.25
N ASP A 51 -13.07 -8.77 -22.95
CA ASP A 51 -14.45 -8.45 -23.25
C ASP A 51 -15.33 -8.42 -21.99
N LYS A 52 -14.93 -7.64 -21.00
CA LYS A 52 -15.70 -7.53 -19.78
C LYS A 52 -15.81 -6.11 -19.25
N ILE A 53 -16.89 -5.83 -18.53
CA ILE A 53 -17.11 -4.52 -17.95
C ILE A 53 -16.35 -4.49 -16.63
N VAL A 54 -15.40 -3.56 -16.49
CA VAL A 54 -14.60 -3.48 -15.29
C VAL A 54 -14.52 -2.07 -14.73
N ASN A 55 -14.57 -1.96 -13.42
CA ASN A 55 -14.50 -0.67 -12.75
C ASN A 55 -13.71 -0.78 -11.46
N VAL A 56 -12.67 0.04 -11.36
CA VAL A 56 -11.81 0.06 -10.18
C VAL A 56 -12.34 1.12 -9.22
N ILE A 57 -12.73 0.71 -8.02
CA ILE A 57 -13.25 1.66 -7.03
C ILE A 57 -12.45 1.62 -5.72
N VAL A 58 -11.79 2.71 -5.39
CA VAL A 58 -11.03 2.77 -4.15
C VAL A 58 -11.78 3.73 -3.21
N PRO A 59 -11.58 3.58 -1.89
CA PRO A 59 -12.28 4.49 -0.96
C PRO A 59 -11.76 5.91 -1.04
N ASN A 60 -10.49 6.03 -1.36
CA ASN A 60 -9.85 7.32 -1.33
C ASN A 60 -9.06 7.76 -2.54
N ALA A 61 -8.47 8.94 -2.40
CA ALA A 61 -7.62 9.50 -3.44
C ALA A 61 -6.26 8.85 -3.31
N PHE A 62 -5.52 8.78 -4.41
CA PHE A 62 -4.19 8.18 -4.38
C PHE A 62 -3.13 9.21 -4.74
N PRO A 63 -1.89 9.00 -4.29
CA PRO A 63 -0.79 9.92 -4.57
C PRO A 63 -0.73 10.37 -6.02
N ASP A 64 -0.19 11.57 -6.24
CA ASP A 64 -0.08 12.12 -7.59
C ASP A 64 1.03 11.40 -8.35
N PHE A 65 2.02 10.89 -7.63
CA PHE A 65 3.11 10.21 -8.30
C PHE A 65 2.65 8.90 -8.91
N LEU A 66 1.34 8.67 -8.84
CA LEU A 66 0.74 7.47 -9.38
C LEU A 66 -0.28 7.81 -10.47
N LYS A 67 -0.39 9.10 -10.82
CA LYS A 67 -1.36 9.54 -11.82
C LYS A 67 -0.97 9.19 -13.25
N TRP A 68 0.33 9.02 -13.47
CA TRP A 68 0.85 8.69 -14.80
C TRP A 68 0.43 7.30 -15.29
N MET A 69 0.00 6.46 -14.36
CA MET A 69 -0.39 5.11 -14.67
C MET A 69 -1.60 5.00 -15.61
N PRO A 70 -1.54 4.05 -16.57
CA PRO A 70 -2.62 3.84 -17.53
C PRO A 70 -3.89 3.42 -16.82
N GLY A 71 -4.93 4.24 -16.92
CA GLY A 71 -6.19 3.92 -16.30
C GLY A 71 -6.52 4.61 -14.99
N SER A 72 -5.54 5.23 -14.34
CA SER A 72 -5.79 5.90 -13.07
C SER A 72 -6.94 6.90 -13.18
N LYS A 73 -7.00 7.61 -14.30
CA LYS A 73 -8.05 8.58 -14.54
C LYS A 73 -9.45 8.01 -14.37
N ASP A 74 -9.62 6.73 -14.66
CA ASP A 74 -10.92 6.09 -14.56
C ASP A 74 -11.17 5.39 -13.24
N ILE A 75 -10.23 5.51 -12.30
CA ILE A 75 -10.41 4.92 -10.99
C ILE A 75 -11.43 5.79 -10.26
N LEU A 76 -12.55 5.20 -9.90
CA LEU A 76 -13.64 5.88 -9.22
C LEU A 76 -13.38 6.01 -7.70
N LEU A 77 -13.30 7.25 -7.22
CA LEU A 77 -13.09 7.52 -5.78
C LEU A 77 -14.41 7.55 -5.02
N TYR A 78 -14.66 6.51 -4.22
CA TYR A 78 -15.89 6.37 -3.46
C TYR A 78 -16.34 7.56 -2.64
N ASP A 79 -15.40 8.40 -2.22
CA ASP A 79 -15.75 9.56 -1.40
C ASP A 79 -16.25 10.74 -2.22
N ARG A 80 -16.56 10.52 -3.49
CA ARG A 80 -17.03 11.61 -4.32
C ARG A 80 -18.06 11.13 -5.32
N TYR A 81 -18.24 9.83 -5.38
CA TYR A 81 -19.20 9.27 -6.31
C TYR A 81 -19.88 8.05 -5.71
N GLN A 82 -19.95 8.06 -4.38
CA GLN A 82 -20.59 6.97 -3.64
C GLN A 82 -21.81 6.37 -4.35
N GLU A 83 -22.75 7.25 -4.72
CA GLU A 83 -23.98 6.87 -5.40
C GLU A 83 -23.74 5.98 -6.61
N PHE A 84 -22.92 6.48 -7.52
CA PHE A 84 -22.57 5.79 -8.74
C PHE A 84 -21.92 4.46 -8.37
N ALA A 85 -20.90 4.54 -7.52
CA ALA A 85 -20.15 3.37 -7.06
C ALA A 85 -21.06 2.32 -6.42
N ASP A 86 -21.93 2.73 -5.52
CA ASP A 86 -22.83 1.79 -4.87
C ASP A 86 -23.58 0.99 -5.92
N LYS A 87 -23.97 1.66 -7.00
CA LYS A 87 -24.69 0.98 -8.08
C LYS A 87 -23.79 -0.05 -8.73
N LEU A 88 -22.58 0.36 -9.11
CA LEU A 88 -21.62 -0.55 -9.73
C LEU A 88 -21.33 -1.75 -8.85
N ILE A 89 -21.11 -1.48 -7.57
CA ILE A 89 -20.81 -2.52 -6.60
C ILE A 89 -21.97 -3.50 -6.42
N MET A 90 -23.17 -2.97 -6.20
CA MET A 90 -24.37 -3.80 -6.01
C MET A 90 -24.73 -4.62 -7.24
N GLU A 91 -24.30 -4.16 -8.42
CA GLU A 91 -24.63 -4.86 -9.65
C GLU A 91 -23.55 -5.79 -10.18
N ALA A 92 -22.37 -5.75 -9.57
CA ALA A 92 -21.26 -6.57 -10.02
C ALA A 92 -21.49 -8.07 -9.83
N ASP A 93 -20.99 -8.86 -10.78
CA ASP A 93 -21.10 -10.31 -10.69
C ASP A 93 -19.97 -10.79 -9.78
N VAL A 94 -18.79 -10.21 -10.00
CA VAL A 94 -17.61 -10.56 -9.22
C VAL A 94 -17.02 -9.28 -8.63
N ILE A 95 -16.52 -9.40 -7.40
CA ILE A 95 -15.90 -8.28 -6.69
C ILE A 95 -14.53 -8.73 -6.21
N CYS A 96 -13.48 -8.20 -6.82
CA CYS A 96 -12.12 -8.57 -6.43
C CYS A 96 -11.62 -7.59 -5.39
N CYS A 97 -11.17 -8.11 -4.25
CA CYS A 97 -10.64 -7.27 -3.19
C CYS A 97 -9.15 -7.44 -3.21
N LEU A 98 -8.45 -6.49 -3.78
CA LEU A 98 -7.01 -6.59 -3.87
C LEU A 98 -6.23 -5.78 -2.86
N ASP A 99 -5.23 -6.42 -2.26
CA ASP A 99 -4.36 -5.74 -1.32
C ASP A 99 -4.90 -5.32 0.05
N PHE A 100 -5.87 -6.06 0.57
CA PHE A 100 -6.41 -5.82 1.91
C PHE A 100 -7.16 -7.10 2.27
N ASN A 101 -7.23 -7.42 3.57
CA ASN A 101 -7.92 -8.64 3.94
C ASN A 101 -8.94 -8.47 5.06
N ALA A 102 -9.35 -7.24 5.31
CA ALA A 102 -10.34 -6.95 6.34
C ALA A 102 -11.24 -5.83 5.84
N LEU A 103 -12.56 -6.05 5.89
CA LEU A 103 -13.49 -5.03 5.43
C LEU A 103 -13.24 -3.65 6.02
N LYS A 104 -12.69 -3.60 7.23
CA LYS A 104 -12.43 -2.32 7.85
C LYS A 104 -11.42 -1.52 7.04
N ARG A 105 -10.64 -2.23 6.24
CA ARG A 105 -9.60 -1.60 5.42
C ARG A 105 -10.12 -0.72 4.30
N ILE A 106 -11.31 -1.02 3.78
CA ILE A 106 -11.86 -0.19 2.71
C ILE A 106 -12.87 0.79 3.33
N ASP A 107 -12.63 1.13 4.59
CA ASP A 107 -13.42 2.05 5.41
C ASP A 107 -14.44 2.93 4.70
N GLU A 108 -15.73 2.68 4.94
CA GLU A 108 -16.83 3.43 4.32
C GLU A 108 -17.47 2.54 3.25
N MET A 109 -16.63 1.88 2.47
CA MET A 109 -17.11 1.00 1.43
C MET A 109 -17.54 -0.35 2.01
N SER A 110 -17.14 -0.60 3.25
CA SER A 110 -17.47 -1.86 3.93
C SER A 110 -18.91 -2.33 3.70
N ASP A 111 -19.85 -1.54 4.17
CA ASP A 111 -21.26 -1.83 4.07
C ASP A 111 -21.76 -2.28 2.71
N ILE A 112 -21.58 -1.44 1.71
CA ILE A 112 -22.05 -1.77 0.37
C ILE A 112 -21.33 -3.00 -0.21
N VAL A 113 -20.03 -3.11 0.03
CA VAL A 113 -19.28 -4.25 -0.49
C VAL A 113 -19.80 -5.51 0.17
N ALA A 114 -19.99 -5.45 1.48
CA ALA A 114 -20.49 -6.59 2.24
C ALA A 114 -21.92 -6.95 1.83
N ALA A 115 -22.71 -5.92 1.52
CA ALA A 115 -24.10 -6.09 1.11
C ALA A 115 -24.25 -6.72 -0.28
N SER A 116 -23.36 -6.40 -1.20
CA SER A 116 -23.43 -6.91 -2.57
C SER A 116 -23.53 -8.43 -2.73
N PRO A 117 -24.52 -8.90 -3.50
CA PRO A 117 -24.72 -10.32 -3.75
C PRO A 117 -23.72 -10.87 -4.78
N GLY A 118 -22.86 -9.99 -5.29
CA GLY A 118 -21.86 -10.42 -6.25
C GLY A 118 -20.85 -11.26 -5.51
N ARG A 119 -20.31 -12.30 -6.14
CA ARG A 119 -19.33 -13.13 -5.45
C ARG A 119 -17.98 -12.45 -5.35
N LYS A 120 -17.40 -12.51 -4.16
CA LYS A 120 -16.12 -11.87 -3.90
C LYS A 120 -14.92 -12.81 -3.85
N ILE A 121 -13.76 -12.27 -4.24
CA ILE A 121 -12.50 -12.98 -4.23
C ILE A 121 -11.46 -12.02 -3.65
N MET A 122 -10.59 -12.52 -2.79
CA MET A 122 -9.58 -11.68 -2.17
C MET A 122 -8.17 -12.10 -2.55
N ILE A 123 -7.41 -11.16 -3.12
CA ILE A 123 -6.03 -11.44 -3.48
C ILE A 123 -5.21 -10.49 -2.61
N ASP A 124 -4.50 -11.04 -1.64
CA ASP A 124 -3.74 -10.22 -0.71
C ASP A 124 -2.47 -10.90 -0.20
N HIS A 125 -1.63 -10.13 0.51
CA HIS A 125 -0.40 -10.67 1.07
C HIS A 125 -0.14 -10.14 2.48
N HIS A 126 -1.18 -9.68 3.15
CA HIS A 126 -1.03 -9.19 4.51
C HIS A 126 -1.37 -10.33 5.47
N LEU A 127 -0.88 -10.29 6.69
CA LEU A 127 -1.15 -11.36 7.64
C LEU A 127 -2.55 -11.31 8.25
N TYR A 128 -3.06 -12.47 8.65
CA TYR A 128 -4.37 -12.63 9.30
C TYR A 128 -5.58 -12.18 8.48
N PRO A 129 -5.92 -12.92 7.41
CA PRO A 129 -7.04 -12.58 6.55
C PRO A 129 -8.40 -13.04 7.06
N GLU A 130 -9.38 -12.14 7.03
CA GLU A 130 -10.75 -12.45 7.44
C GLU A 130 -11.34 -13.36 6.35
N ASP A 131 -12.56 -13.85 6.55
CA ASP A 131 -13.16 -14.72 5.54
C ASP A 131 -14.47 -14.23 4.96
N PHE A 132 -14.48 -13.01 4.45
CA PHE A 132 -15.69 -12.45 3.86
C PHE A 132 -15.83 -12.79 2.38
N CYS A 133 -14.75 -13.29 1.77
CA CYS A 133 -14.77 -13.65 0.36
C CYS A 133 -14.94 -15.15 0.16
N ARG A 134 -15.77 -15.53 -0.80
CA ARG A 134 -16.01 -16.94 -1.10
C ARG A 134 -14.74 -17.63 -1.60
N ILE A 135 -13.81 -16.87 -2.17
CA ILE A 135 -12.55 -17.46 -2.62
C ILE A 135 -11.44 -16.63 -1.99
N THR A 136 -10.43 -17.29 -1.42
CA THR A 136 -9.36 -16.54 -0.79
C THR A 136 -7.94 -16.93 -1.15
N ILE A 137 -7.27 -16.00 -1.83
CA ILE A 137 -5.88 -16.16 -2.22
C ILE A 137 -5.10 -15.24 -1.29
N SER A 138 -4.59 -15.80 -0.20
CA SER A 138 -3.83 -15.04 0.79
C SER A 138 -2.44 -15.64 0.98
N HIS A 139 -1.41 -14.90 0.59
CA HIS A 139 -0.03 -15.39 0.70
C HIS A 139 0.91 -14.34 1.25
N PRO A 140 1.03 -14.26 2.58
CA PRO A 140 1.91 -13.31 3.26
C PRO A 140 3.37 -13.52 2.87
N GLU A 141 3.68 -14.69 2.30
CA GLU A 141 5.04 -14.99 1.91
C GLU A 141 5.46 -14.28 0.63
N ILE A 142 4.51 -13.60 -0.03
CA ILE A 142 4.82 -12.88 -1.26
C ILE A 142 4.85 -11.37 -1.01
N SER A 143 5.84 -10.72 -1.61
CA SER A 143 6.10 -9.28 -1.43
C SER A 143 5.07 -8.24 -1.88
N SER A 144 4.13 -8.60 -2.74
CA SER A 144 3.13 -7.64 -3.20
C SER A 144 1.86 -8.28 -3.73
N THR A 145 0.78 -7.50 -3.78
CA THR A 145 -0.47 -8.03 -4.31
C THR A 145 -0.26 -8.05 -5.82
N SER A 146 0.41 -7.01 -6.33
CA SER A 146 0.72 -6.91 -7.77
C SER A 146 1.33 -8.20 -8.31
N GLU A 147 2.26 -8.78 -7.56
CA GLU A 147 2.94 -10.00 -7.98
C GLU A 147 2.02 -11.19 -8.13
N LEU A 148 1.16 -11.46 -7.14
CA LEU A 148 0.30 -12.62 -7.33
C LEU A 148 -0.92 -12.38 -8.21
N VAL A 149 -1.10 -11.14 -8.66
CA VAL A 149 -2.17 -10.84 -9.61
C VAL A 149 -1.54 -11.23 -10.94
N PHE A 150 -0.21 -11.13 -11.00
CA PHE A 150 0.52 -11.49 -12.21
C PHE A 150 0.60 -13.01 -12.27
N ARG A 151 0.72 -13.65 -11.12
CA ARG A 151 0.79 -15.11 -11.07
C ARG A 151 -0.56 -15.68 -11.45
N LEU A 152 -1.63 -15.12 -10.88
CA LEU A 152 -2.99 -15.59 -11.17
C LEU A 152 -3.33 -15.49 -12.66
N ILE A 153 -2.92 -14.40 -13.29
CA ILE A 153 -3.20 -14.23 -14.70
C ILE A 153 -2.38 -15.22 -15.50
N CYS A 154 -1.14 -15.45 -15.08
CA CYS A 154 -0.32 -16.41 -15.80
C CYS A 154 -0.83 -17.83 -15.63
N ARG A 155 -1.15 -18.19 -14.40
CA ARG A 155 -1.64 -19.53 -14.10
C ARG A 155 -2.90 -19.82 -14.93
N MET A 156 -3.67 -18.77 -15.24
CA MET A 156 -4.89 -18.88 -16.04
C MET A 156 -4.57 -19.00 -17.52
N GLY A 157 -3.29 -18.88 -17.85
CA GLY A 157 -2.86 -19.01 -19.23
C GLY A 157 -2.90 -17.77 -20.10
N TYR A 158 -2.96 -16.58 -19.52
CA TYR A 158 -3.03 -15.37 -20.32
C TYR A 158 -1.79 -14.47 -20.32
N PHE A 159 -0.62 -15.03 -20.04
CA PHE A 159 0.59 -14.22 -20.02
C PHE A 159 0.70 -13.38 -21.29
N SER A 160 0.37 -14.00 -22.42
CA SER A 160 0.42 -13.33 -23.72
C SER A 160 -0.55 -12.17 -23.86
N ASP A 161 -1.67 -12.25 -23.13
CA ASP A 161 -2.69 -11.22 -23.16
C ASP A 161 -2.44 -10.06 -22.20
N ILE A 162 -1.27 -10.07 -21.56
CA ILE A 162 -0.91 -8.99 -20.64
C ILE A 162 -0.27 -7.89 -21.47
N SER A 163 -0.96 -6.75 -21.56
CA SER A 163 -0.52 -5.60 -22.32
C SER A 163 0.69 -4.90 -21.70
N LYS A 164 1.24 -3.92 -22.39
CA LYS A 164 2.37 -3.19 -21.86
C LYS A 164 1.85 -2.31 -20.74
N GLU A 165 0.65 -1.77 -20.92
CA GLU A 165 0.04 -0.93 -19.90
C GLU A 165 -0.20 -1.78 -18.64
N GLY A 166 -0.72 -2.99 -18.82
CA GLY A 166 -0.95 -3.86 -17.69
C GLY A 166 0.37 -4.19 -16.99
N ALA A 167 1.41 -4.39 -17.79
CA ALA A 167 2.74 -4.70 -17.26
C ALA A 167 3.32 -3.54 -16.49
N GLU A 168 3.11 -2.32 -16.99
CA GLU A 168 3.62 -1.15 -16.29
C GLU A 168 3.03 -1.05 -14.89
N CYS A 169 1.74 -1.35 -14.76
CA CYS A 169 1.07 -1.27 -13.47
C CYS A 169 1.53 -2.32 -12.47
N ILE A 170 1.60 -3.56 -12.91
CA ILE A 170 2.02 -4.65 -12.05
C ILE A 170 3.44 -4.44 -11.56
N TYR A 171 4.32 -3.98 -12.43
CA TYR A 171 5.68 -3.72 -12.01
C TYR A 171 5.71 -2.62 -10.92
N THR A 172 4.95 -1.54 -11.14
CA THR A 172 4.89 -0.45 -10.16
C THR A 172 4.47 -0.94 -8.80
N GLY A 173 3.44 -1.78 -8.76
CA GLY A 173 2.98 -2.32 -7.49
C GLY A 173 4.08 -3.13 -6.79
N MET A 174 4.82 -3.91 -7.57
CA MET A 174 5.90 -4.73 -7.01
C MET A 174 7.04 -3.86 -6.51
N MET A 175 7.39 -2.85 -7.30
CA MET A 175 8.48 -1.95 -6.93
C MET A 175 8.14 -1.23 -5.62
N THR A 176 6.95 -0.64 -5.59
CA THR A 176 6.46 0.09 -4.44
C THR A 176 6.49 -0.68 -3.12
N ASP A 177 5.93 -1.88 -3.11
CA ASP A 177 5.89 -2.67 -1.88
C ASP A 177 7.21 -3.24 -1.42
N THR A 178 8.27 -3.00 -2.18
CA THR A 178 9.58 -3.50 -1.81
C THR A 178 10.55 -2.33 -1.71
N GLY A 179 10.02 -1.11 -1.82
CA GLY A 179 10.86 0.06 -1.77
C GLY A 179 11.96 -0.10 -2.80
N GLY A 180 11.57 -0.22 -4.05
CA GLY A 180 12.55 -0.41 -5.08
C GLY A 180 13.30 -1.72 -4.91
N PHE A 181 12.61 -2.74 -4.41
CA PHE A 181 13.25 -4.03 -4.21
C PHE A 181 14.49 -3.93 -3.31
N THR A 182 14.31 -3.31 -2.16
CA THR A 182 15.39 -3.16 -1.17
C THR A 182 15.01 -3.88 0.13
N TYR A 183 13.79 -4.41 0.18
CA TYR A 183 13.36 -5.17 1.33
C TYR A 183 12.26 -6.16 0.97
N ASN A 184 12.41 -7.37 1.50
CA ASN A 184 11.49 -8.48 1.30
C ASN A 184 11.48 -8.81 -0.19
N SER A 185 12.67 -8.84 -0.78
CA SER A 185 12.79 -9.11 -2.21
C SER A 185 13.82 -10.18 -2.54
N ASN A 186 14.20 -10.96 -1.53
CA ASN A 186 15.21 -12.00 -1.71
C ASN A 186 14.82 -13.25 -2.49
N ASN A 187 13.57 -13.31 -2.93
CA ASN A 187 13.09 -14.48 -3.65
C ASN A 187 13.36 -14.38 -5.16
N ARG A 188 14.14 -15.34 -5.68
CA ARG A 188 14.50 -15.41 -7.10
C ARG A 188 13.42 -15.12 -8.11
N GLU A 189 12.27 -15.76 -7.92
CA GLU A 189 11.16 -15.62 -8.85
C GLU A 189 10.74 -14.18 -9.09
N ILE A 190 10.99 -13.30 -8.12
CA ILE A 190 10.62 -11.91 -8.29
C ILE A 190 11.32 -11.40 -9.55
N TYR A 191 12.59 -11.71 -9.67
CA TYR A 191 13.40 -11.27 -10.80
C TYR A 191 13.09 -11.96 -12.13
N PHE A 192 12.46 -13.13 -12.10
CA PHE A 192 12.08 -13.80 -13.33
C PHE A 192 10.89 -13.01 -13.87
N ILE A 193 10.05 -12.57 -12.94
CA ILE A 193 8.87 -11.78 -13.27
C ILE A 193 9.28 -10.40 -13.77
N ILE A 194 10.30 -9.80 -13.16
CA ILE A 194 10.74 -8.50 -13.60
C ILE A 194 11.20 -8.63 -15.05
N SER A 195 11.97 -9.70 -15.30
CA SER A 195 12.47 -9.94 -16.63
C SER A 195 11.31 -10.14 -17.60
N GLU A 196 10.28 -10.86 -17.17
CA GLU A 196 9.13 -11.08 -18.04
C GLU A 196 8.37 -9.79 -18.35
N LEU A 197 8.20 -8.92 -17.35
CA LEU A 197 7.50 -7.67 -17.56
C LEU A 197 8.31 -6.84 -18.54
N LEU A 198 9.63 -6.79 -18.34
CA LEU A 198 10.48 -6.02 -19.23
C LEU A 198 10.25 -6.42 -20.68
N SER A 199 9.93 -7.68 -20.91
CA SER A 199 9.67 -8.19 -22.25
C SER A 199 8.30 -7.77 -22.79
N LYS A 200 7.53 -7.01 -22.00
CA LYS A 200 6.21 -6.52 -22.42
C LYS A 200 6.42 -5.09 -22.93
N GLY A 201 7.66 -4.64 -22.81
CA GLY A 201 8.05 -3.31 -23.29
C GLY A 201 8.16 -2.16 -22.31
N ILE A 202 8.11 -2.44 -21.01
CA ILE A 202 8.19 -1.35 -20.06
C ILE A 202 9.61 -0.86 -19.86
N ASP A 203 9.72 0.35 -19.31
CA ASP A 203 11.00 0.96 -19.02
C ASP A 203 11.01 1.08 -17.51
N LYS A 204 11.58 0.09 -16.82
CA LYS A 204 11.58 0.14 -15.37
C LYS A 204 12.26 1.38 -14.84
N ASP A 205 13.34 1.80 -15.48
CA ASP A 205 14.03 2.99 -15.00
C ASP A 205 13.13 4.22 -15.01
N ASP A 206 12.29 4.34 -16.03
CA ASP A 206 11.38 5.48 -16.14
C ASP A 206 10.28 5.42 -15.09
N ILE A 207 9.67 4.25 -14.91
CA ILE A 207 8.62 4.03 -13.92
C ILE A 207 9.17 4.45 -12.57
N TYR A 208 10.43 4.12 -12.35
CA TYR A 208 11.08 4.49 -11.10
C TYR A 208 11.07 6.01 -10.95
N ARG A 209 11.63 6.73 -11.90
CA ARG A 209 11.67 8.17 -11.82
C ARG A 209 10.30 8.83 -11.70
N LYS A 210 9.29 8.26 -12.34
CA LYS A 210 7.96 8.84 -12.30
C LYS A 210 7.30 8.77 -10.93
N VAL A 211 7.81 7.88 -10.08
CA VAL A 211 7.25 7.70 -8.74
C VAL A 211 8.10 8.32 -7.62
N TYR A 212 9.41 8.15 -7.73
CA TYR A 212 10.31 8.62 -6.70
C TYR A 212 11.13 9.87 -6.99
N ASN A 213 11.35 10.18 -8.26
CA ASN A 213 12.15 11.34 -8.60
C ASN A 213 11.36 12.42 -9.31
N THR A 214 10.24 12.78 -8.71
CA THR A 214 9.37 13.81 -9.25
C THR A 214 8.64 14.51 -8.11
N TYR A 215 9.13 15.69 -7.75
CA TYR A 215 8.50 16.48 -6.71
C TYR A 215 9.20 17.81 -6.44
N SER A 216 8.39 18.81 -6.14
CA SER A 216 8.82 20.19 -5.88
C SER A 216 10.05 20.33 -5.02
N GLU A 217 10.74 21.47 -5.19
CA GLU A 217 11.93 21.76 -4.41
C GLU A 217 11.53 22.08 -2.98
N SER A 218 10.25 22.39 -2.79
CA SER A 218 9.74 22.70 -1.46
C SER A 218 9.74 21.43 -0.61
N ARG A 219 9.31 20.31 -1.21
CA ARG A 219 9.26 19.05 -0.49
C ARG A 219 10.67 18.60 -0.13
N LEU A 220 11.57 18.62 -1.11
CA LEU A 220 12.94 18.20 -0.87
C LEU A 220 13.61 19.09 0.17
N ARG A 221 13.25 20.37 0.17
CA ARG A 221 13.83 21.30 1.14
C ARG A 221 13.15 21.08 2.48
N LEU A 222 11.85 20.79 2.44
CA LEU A 222 11.09 20.50 3.64
C LEU A 222 11.79 19.34 4.34
N MET A 223 12.23 18.38 3.54
CA MET A 223 12.92 17.20 4.04
C MET A 223 14.25 17.60 4.68
N GLY A 224 15.03 18.39 3.96
CA GLY A 224 16.31 18.83 4.48
C GLY A 224 16.14 19.48 5.86
N TYR A 225 14.98 20.09 6.06
CA TYR A 225 14.68 20.74 7.33
C TYR A 225 14.47 19.68 8.42
N VAL A 226 13.47 18.82 8.22
CA VAL A 226 13.14 17.75 9.15
C VAL A 226 14.39 16.95 9.54
N LEU A 227 15.28 16.73 8.58
CA LEU A 227 16.50 15.97 8.85
C LEU A 227 17.46 16.68 9.80
N SER A 228 17.57 17.99 9.66
CA SER A 228 18.46 18.77 10.51
C SER A 228 17.97 18.80 11.96
N ASN A 229 16.65 18.80 12.13
CA ASN A 229 16.04 18.85 13.45
C ASN A 229 15.71 17.51 14.11
N MET A 230 15.90 16.41 13.39
CA MET A 230 15.60 15.09 13.95
C MET A 230 16.41 14.82 15.20
N LYS A 231 15.85 14.01 16.09
CA LYS A 231 16.53 13.65 17.32
C LYS A 231 16.84 12.15 17.29
N VAL A 232 18.05 11.79 17.69
CA VAL A 232 18.48 10.40 17.70
C VAL A 232 18.83 9.92 19.10
N TYR A 233 18.05 8.99 19.62
CA TYR A 233 18.29 8.43 20.96
C TYR A 233 19.22 7.22 20.84
N LYS A 234 20.47 7.49 20.50
CA LYS A 234 21.51 6.47 20.32
C LYS A 234 21.38 5.18 21.13
N ASP A 235 21.07 5.30 22.42
CA ASP A 235 20.96 4.13 23.28
C ASP A 235 19.68 3.31 23.12
N TYR A 236 18.70 3.89 22.43
CA TYR A 236 17.43 3.21 22.20
C TYR A 236 17.37 2.75 20.75
N ASN A 237 18.45 3.03 20.02
CA ASN A 237 18.56 2.66 18.62
C ASN A 237 17.40 3.20 17.78
N SER A 238 16.77 4.26 18.29
CA SER A 238 15.65 4.89 17.61
C SER A 238 15.92 6.33 17.18
N ALA A 239 14.93 6.96 16.55
CA ALA A 239 15.07 8.33 16.09
C ALA A 239 13.70 8.95 15.86
N LEU A 240 13.62 10.27 16.03
CA LEU A 240 12.36 10.98 15.87
C LEU A 240 12.50 12.26 15.04
N ILE A 241 11.60 12.43 14.08
CA ILE A 241 11.55 13.63 13.24
C ILE A 241 10.14 14.20 13.39
N SER A 242 9.99 15.51 13.23
CA SER A 242 8.68 16.15 13.41
C SER A 242 8.34 17.34 12.51
N LEU A 243 7.06 17.71 12.52
CA LEU A 243 6.53 18.83 11.74
C LEU A 243 5.23 19.40 12.33
N THR A 244 5.28 20.62 12.84
CA THR A 244 4.11 21.28 13.40
C THR A 244 3.35 22.01 12.28
N LYS A 245 2.09 22.36 12.50
CA LYS A 245 1.32 23.07 11.49
C LYS A 245 2.05 24.38 11.25
N GLU A 246 2.68 24.85 12.32
CA GLU A 246 3.46 26.09 12.30
C GLU A 246 4.59 25.94 11.28
N GLU A 247 5.29 24.81 11.34
CA GLU A 247 6.39 24.54 10.42
C GLU A 247 5.89 24.27 9.00
N GLN A 248 4.91 23.38 8.87
CA GLN A 248 4.33 23.05 7.58
C GLN A 248 4.04 24.28 6.74
N GLY A 249 3.52 25.32 7.39
CA GLY A 249 3.20 26.55 6.69
C GLY A 249 4.42 27.27 6.14
N LYS A 250 5.53 27.17 6.85
CA LYS A 250 6.78 27.81 6.43
C LYS A 250 7.18 27.33 5.03
N PHE A 251 7.27 26.02 4.87
CA PHE A 251 7.66 25.43 3.59
C PHE A 251 6.48 25.20 2.64
N ASP A 252 5.32 25.72 3.01
CA ASP A 252 4.13 25.57 2.18
C ASP A 252 3.89 24.08 1.92
N TYR A 253 3.50 23.38 2.99
CA TYR A 253 3.25 21.95 2.95
C TYR A 253 1.95 21.54 2.26
N ILE A 254 2.10 20.83 1.14
CA ILE A 254 0.95 20.31 0.41
C ILE A 254 0.87 18.86 0.90
N LYS A 255 -0.33 18.30 1.00
CA LYS A 255 -0.45 16.91 1.49
C LYS A 255 0.40 15.93 0.69
N GLY A 256 1.14 15.08 1.40
CA GLY A 256 1.97 14.08 0.74
C GLY A 256 3.44 14.42 0.65
N ASP A 257 3.82 15.59 1.15
CA ASP A 257 5.21 16.03 1.12
C ASP A 257 6.08 15.18 2.04
N SER A 258 5.65 15.04 3.29
CA SER A 258 6.39 14.28 4.29
C SER A 258 6.35 12.77 4.07
N GLU A 259 5.94 12.35 2.87
CA GLU A 259 5.88 10.94 2.53
C GLU A 259 7.27 10.33 2.59
N GLY A 260 7.37 9.07 3.03
CA GLY A 260 8.65 8.40 3.10
C GLY A 260 9.70 9.09 3.95
N PHE A 261 9.30 10.12 4.69
CA PHE A 261 10.23 10.84 5.54
C PHE A 261 10.63 9.98 6.74
N VAL A 262 9.64 9.29 7.32
CA VAL A 262 9.87 8.44 8.48
C VAL A 262 10.91 7.35 8.21
N ASN A 263 11.18 7.09 6.94
CA ASN A 263 12.15 6.08 6.52
C ASN A 263 13.60 6.55 6.60
N ILE A 264 13.87 7.76 6.12
CA ILE A 264 15.21 8.33 6.09
C ILE A 264 16.07 8.05 7.34
N PRO A 265 15.52 8.24 8.55
CA PRO A 265 16.31 7.99 9.77
C PRO A 265 16.85 6.55 9.89
N LEU A 266 16.15 5.59 9.30
CA LEU A 266 16.54 4.18 9.37
C LEU A 266 17.85 3.86 8.68
N SER A 267 18.35 4.79 7.88
CA SER A 267 19.61 4.59 7.18
C SER A 267 20.82 4.94 8.04
N ILE A 268 20.60 5.24 9.31
CA ILE A 268 21.70 5.55 10.22
C ILE A 268 22.21 4.24 10.76
N LYS A 269 23.53 4.15 10.95
CA LYS A 269 24.15 2.94 11.47
C LYS A 269 23.77 2.71 12.94
N ASN A 270 22.82 1.81 13.15
CA ASN A 270 22.32 1.44 14.49
C ASN A 270 21.06 2.14 14.96
N VAL A 271 20.17 2.45 14.02
CA VAL A 271 18.90 3.07 14.33
C VAL A 271 17.92 2.21 13.53
N CYS A 272 17.14 1.40 14.22
CA CYS A 272 16.20 0.52 13.56
C CYS A 272 14.74 0.90 13.78
N PHE A 273 14.51 1.88 14.64
CA PHE A 273 13.16 2.33 14.90
C PHE A 273 13.09 3.82 14.59
N SER A 274 12.12 4.22 13.77
CA SER A 274 12.00 5.62 13.41
C SER A 274 10.58 6.12 13.60
N CYS A 275 10.45 7.23 14.32
CA CYS A 275 9.15 7.82 14.61
C CYS A 275 9.00 9.20 13.98
N PHE A 276 7.81 9.45 13.42
CA PHE A 276 7.51 10.73 12.78
C PHE A 276 6.22 11.33 13.34
N LEU A 277 6.36 12.43 14.06
CA LEU A 277 5.23 13.13 14.66
C LEU A 277 4.91 14.36 13.83
N ARG A 278 3.91 14.27 12.96
CA ARG A 278 3.54 15.41 12.15
C ARG A 278 2.29 16.07 12.68
N GLU A 279 2.47 17.17 13.41
CA GLU A 279 1.35 17.90 13.99
C GLU A 279 0.27 18.19 12.95
N ASP A 280 -0.89 17.55 13.11
CA ASP A 280 -2.00 17.74 12.20
C ASP A 280 -2.58 19.13 12.41
N THR A 281 -2.85 19.82 11.30
CA THR A 281 -3.39 21.19 11.31
C THR A 281 -4.50 21.49 12.33
N GLU A 282 -4.06 21.91 13.52
CA GLU A 282 -4.94 22.26 14.65
C GLU A 282 -4.16 22.29 15.96
N MET A 285 -4.53 15.23 17.59
CA MET A 285 -3.71 16.43 17.41
C MET A 285 -2.39 16.17 16.67
N ILE A 286 -1.68 15.10 17.06
CA ILE A 286 -0.41 14.77 16.44
C ILE A 286 -0.55 13.48 15.63
N LYS A 287 -0.01 13.49 14.42
CA LYS A 287 -0.05 12.34 13.52
C LYS A 287 1.24 11.52 13.65
N ILE A 288 1.12 10.32 14.20
CA ILE A 288 2.26 9.42 14.39
C ILE A 288 2.45 8.37 13.29
N SER A 289 3.68 8.25 12.82
CA SER A 289 4.05 7.28 11.79
C SER A 289 5.27 6.53 12.31
N LEU A 290 5.16 5.20 12.33
CA LEU A 290 6.24 4.36 12.81
C LEU A 290 6.82 3.49 11.71
N ARG A 291 8.14 3.38 11.71
CA ARG A 291 8.84 2.57 10.72
C ARG A 291 10.01 1.89 11.42
N SER A 292 10.36 0.70 10.94
CA SER A 292 11.47 -0.03 11.53
C SER A 292 12.09 -1.00 10.54
N VAL A 293 13.39 -1.18 10.66
CA VAL A 293 14.12 -2.11 9.82
C VAL A 293 14.33 -3.25 10.81
N GLY A 294 14.48 -4.47 10.31
CA GLY A 294 14.65 -5.59 11.22
C GLY A 294 13.32 -6.15 11.68
N LYS A 295 13.21 -6.50 12.96
CA LYS A 295 11.96 -7.06 13.45
C LYS A 295 11.20 -6.36 14.57
N PHE A 296 11.62 -5.15 14.95
CA PHE A 296 10.92 -4.45 16.02
C PHE A 296 9.46 -4.21 15.60
N PRO A 297 8.49 -4.72 16.40
CA PRO A 297 7.06 -4.56 16.09
C PRO A 297 6.49 -3.15 16.24
N CYS A 298 6.40 -2.44 15.12
CA CYS A 298 5.86 -1.08 15.14
C CYS A 298 4.37 -1.11 15.46
N ASN A 299 3.66 -2.05 14.85
CA ASN A 299 2.23 -2.18 15.08
C ASN A 299 1.91 -2.34 16.56
N ARG A 300 2.83 -2.92 17.32
CA ARG A 300 2.63 -3.11 18.74
C ARG A 300 2.70 -1.79 19.50
N LEU A 301 3.79 -1.03 19.32
CA LEU A 301 3.93 0.25 19.99
C LEU A 301 2.90 1.24 19.45
N ALA A 302 2.46 1.00 18.21
CA ALA A 302 1.47 1.87 17.58
C ALA A 302 0.15 1.78 18.33
N ALA A 303 -0.16 0.60 18.86
CA ALA A 303 -1.40 0.38 19.60
C ALA A 303 -1.23 0.61 21.09
N GLU A 304 -0.03 0.36 21.61
CA GLU A 304 0.22 0.55 23.02
C GLU A 304 0.50 1.98 23.44
N PHE A 305 0.39 2.93 22.52
CA PHE A 305 0.67 4.32 22.87
C PHE A 305 -0.01 5.37 22.00
N PHE A 306 -0.43 5.00 20.78
CA PHE A 306 -1.05 5.97 19.89
C PHE A 306 -2.34 5.51 19.20
N ASN A 307 -3.17 4.77 19.92
CA ASN A 307 -4.44 4.25 19.41
C ASN A 307 -4.43 3.84 17.94
N GLY A 308 -3.48 3.00 17.55
CA GLY A 308 -3.43 2.59 16.16
C GLY A 308 -3.21 1.11 15.90
N GLY A 309 -2.39 0.86 14.88
CA GLY A 309 -2.08 -0.50 14.48
C GLY A 309 -1.29 -0.43 13.20
N GLY A 310 -1.30 -1.50 12.43
CA GLY A 310 -0.56 -1.51 11.18
C GLY A 310 0.22 -2.79 11.03
N HIS A 311 1.41 -2.72 10.43
CA HIS A 311 2.24 -3.90 10.22
C HIS A 311 3.52 -3.89 11.05
N LEU A 312 4.22 -5.03 11.04
CA LEU A 312 5.45 -5.19 11.80
C LEU A 312 6.47 -4.08 11.53
N ASN A 313 6.64 -3.68 10.27
CA ASN A 313 7.61 -2.66 9.91
C ASN A 313 7.09 -1.24 9.65
N ALA A 314 5.78 -1.10 9.42
CA ALA A 314 5.19 0.21 9.15
C ALA A 314 3.79 0.33 9.72
N SER A 315 3.52 1.45 10.38
CA SER A 315 2.20 1.68 10.98
C SER A 315 2.13 3.05 11.65
N GLY A 316 0.92 3.50 11.98
CA GLY A 316 0.77 4.80 12.60
C GLY A 316 -0.39 4.93 13.58
N GLY A 317 -0.97 6.12 13.61
CA GLY A 317 -2.08 6.40 14.51
C GLY A 317 -1.93 7.80 15.09
N GLU A 318 -3.00 8.35 15.65
CA GLU A 318 -2.93 9.70 16.20
C GLU A 318 -2.92 9.78 17.74
N PHE A 319 -2.28 10.84 18.23
CA PHE A 319 -2.18 11.12 19.65
C PHE A 319 -2.61 12.57 19.81
N TYR A 320 -3.70 12.82 20.54
CA TYR A 320 -4.22 14.17 20.73
C TYR A 320 -3.58 14.95 21.88
N GLY A 321 -2.96 16.07 21.52
CA GLY A 321 -2.28 16.92 22.47
C GLY A 321 -1.35 17.83 21.70
N THR A 322 -0.10 17.95 22.13
CA THR A 322 0.85 18.80 21.43
C THR A 322 2.15 18.07 21.10
N MET A 323 3.14 18.83 20.65
CA MET A 323 4.42 18.27 20.25
C MET A 323 5.22 17.57 21.35
N GLU A 324 5.69 18.29 22.36
CA GLU A 324 6.47 17.63 23.41
C GLU A 324 5.59 16.67 24.21
N GLU A 325 4.28 16.73 23.99
CA GLU A 325 3.36 15.84 24.67
C GLU A 325 3.46 14.48 23.99
N ALA A 326 3.44 14.49 22.66
CA ALA A 326 3.57 13.27 21.88
C ALA A 326 4.96 12.71 22.18
N VAL A 327 5.97 13.56 22.06
CA VAL A 327 7.36 13.18 22.31
C VAL A 327 7.52 12.43 23.63
N LYS A 328 6.89 12.94 24.68
CA LYS A 328 6.95 12.29 25.98
C LYS A 328 6.40 10.88 25.85
N VAL A 329 5.22 10.78 25.24
CA VAL A 329 4.57 9.49 25.02
C VAL A 329 5.57 8.56 24.34
N PHE A 330 6.07 8.98 23.18
CA PHE A 330 7.05 8.20 22.43
C PHE A 330 8.23 7.84 23.33
N GLU A 331 8.70 8.80 24.11
CA GLU A 331 9.85 8.56 24.99
C GLU A 331 9.66 7.53 26.10
N GLN A 332 8.42 7.25 26.48
CA GLN A 332 8.18 6.25 27.51
C GLN A 332 8.04 4.92 26.79
N ALA A 333 7.42 4.95 25.61
CA ALA A 333 7.26 3.75 24.80
C ALA A 333 8.66 3.20 24.58
N LEU A 334 9.63 4.08 24.37
CA LEU A 334 11.01 3.69 24.16
C LEU A 334 11.57 3.03 25.42
N GLU A 335 11.42 3.70 26.55
CA GLU A 335 11.92 3.19 27.82
C GLU A 335 11.40 1.79 28.11
N LYS A 336 10.14 1.55 27.76
CA LYS A 336 9.54 0.25 28.00
C LYS A 336 10.22 -0.82 27.15
N TYR A 337 10.27 -0.58 25.84
CA TYR A 337 10.87 -1.55 24.93
C TYR A 337 12.38 -1.43 24.74
N LYS A 338 13.03 -0.62 25.57
CA LYS A 338 14.48 -0.47 25.46
C LYS A 338 15.23 -1.80 25.35
N PRO A 339 14.85 -2.81 26.14
CA PRO A 339 15.55 -4.10 26.06
C PRO A 339 15.31 -4.84 24.74
N LEU A 340 14.09 -4.75 24.20
CA LEU A 340 13.78 -5.40 22.93
C LEU A 340 14.56 -4.66 21.86
N LEU A 341 14.48 -3.33 21.88
CA LEU A 341 15.19 -2.49 20.91
C LEU A 341 16.70 -2.75 20.98
N LYS A 342 17.13 -3.44 22.04
CA LYS A 342 18.55 -3.76 22.23
C LYS A 342 18.92 -5.10 21.60
N GLU A 343 17.93 -5.96 21.37
CA GLU A 343 18.18 -7.25 20.74
C GLU A 343 18.03 -7.05 19.23
P 5GP B . 1.95 5.52 7.72
O1P 5GP B . 2.08 5.79 6.27
O2P 5GP B . 0.74 6.40 8.33
O3P 5GP B . 3.31 5.91 8.47
O5' 5GP B . 1.65 3.93 7.96
C5' 5GP B . 0.43 3.60 7.28
C4' 5GP B . 0.10 2.12 7.49
O4' 5GP B . -0.05 1.82 8.92
C3' 5GP B . -1.22 1.76 6.78
O3' 5GP B . -1.03 0.70 5.83
C2' 5GP B . -2.22 1.36 7.90
O2' 5GP B . -2.71 0.04 7.71
C1' 5GP B . -1.45 1.51 9.23
N9 5GP B . -2.05 2.56 10.11
C8 5GP B . -1.71 3.90 10.14
N7 5GP B . -2.42 4.53 11.03
C5 5GP B . -3.27 3.65 11.62
C6 5GP B . -4.27 3.76 12.65
O6 5GP B . -4.50 4.84 13.18
N1 5GP B . -4.97 2.64 13.02
C2 5GP B . -4.71 1.42 12.42
N2 5GP B . -5.42 0.31 12.81
N3 5GP B . -3.77 1.30 11.47
C4 5GP B . -3.05 2.38 11.04
MN MN C . -0.93 -1.59 0.04
MN MN D . 0.59 -4.60 -0.87
#